data_2D1L
#
_entry.id   2D1L
#
_cell.length_a   53.503
_cell.length_b   37.319
_cell.length_c   129.016
_cell.angle_alpha   90.00
_cell.angle_beta   94.07
_cell.angle_gamma   90.00
#
_symmetry.space_group_name_H-M   'P 1 21 1'
#
loop_
_entity.id
_entity.type
_entity.pdbx_description
1 polymer 'Metastasis suppressor protein 1'
2 water water
#
_entity_poly.entity_id   1
_entity_poly.type   'polypeptide(L)'
_entity_poly.pdbx_seq_one_letter_code
;AGH(MSE)EAVIEKECSALGGLFQTIISD(MSE)KGSYPVWEDFINKAGKLQSQLRTTVVAAAAFLDAFQKVAD(MSE)A
TNTRGGTREIGSALTR(MSE)C(MSE)RHRSIEAKLRQFSSALIDCLINPLQEQ(MSE)EEWKKVANQLDKDHAKEYKKA
RQEIKKKSSDTLKLQKKAKKVDAQGRGDIQPQLDSALQDVNDKYLLLEETEKQAVRKALIEERGRFCTFIS(MSE)LRPV
IEEEIS(MSE)LGEITHLQTISEDLKSLT(MSE)DPHKLPSSSEQVILD
;
_entity_poly.pdbx_strand_id   A,B
#
# COMPACT_ATOMS: atom_id res chain seq x y z
N ALA A 1 19.49 -57.68 25.26
CA ALA A 1 18.28 -56.89 25.65
C ALA A 1 18.01 -56.97 27.15
N GLY A 2 18.62 -56.06 27.91
CA GLY A 2 18.42 -55.99 29.35
C GLY A 2 17.86 -54.64 29.73
N HIS A 3 18.10 -54.24 30.98
CA HIS A 3 17.57 -52.98 31.51
C HIS A 3 18.08 -51.77 30.73
N MSE A 4 19.40 -51.64 30.66
CA MSE A 4 20.06 -50.53 29.99
C MSE A 4 19.61 -50.39 28.53
O MSE A 4 19.41 -49.28 28.03
CB MSE A 4 21.57 -50.73 30.08
CG MSE A 4 22.42 -49.52 29.73
SE MSE A 4 24.20 -49.69 30.57
CE MSE A 4 23.79 -48.90 32.33
N GLU A 5 19.43 -51.53 27.87
CA GLU A 5 18.99 -51.56 26.48
C GLU A 5 17.54 -51.07 26.36
N ALA A 6 16.69 -51.55 27.27
CA ALA A 6 15.29 -51.17 27.31
C ALA A 6 15.12 -49.66 27.54
N VAL A 7 16.02 -49.08 28.33
CA VAL A 7 16.05 -47.63 28.53
C VAL A 7 16.41 -46.89 27.23
N ILE A 8 17.44 -47.36 26.53
CA ILE A 8 17.80 -46.81 25.24
C ILE A 8 16.64 -46.96 24.27
N GLU A 9 16.05 -48.15 24.25
CA GLU A 9 14.87 -48.44 23.43
C GLU A 9 13.78 -47.37 23.54
N LYS A 10 13.45 -46.98 24.76
CA LYS A 10 12.39 -46.00 24.96
C LYS A 10 12.80 -44.59 24.52
N GLU A 11 14.09 -44.30 24.58
CA GLU A 11 14.56 -43.03 24.07
C GLU A 11 14.47 -43.05 22.55
N CYS A 12 14.85 -44.17 21.94
CA CYS A 12 14.72 -44.31 20.50
C CYS A 12 13.25 -44.13 20.11
N SER A 13 12.35 -44.69 20.92
CA SER A 13 10.92 -44.57 20.66
C SER A 13 10.43 -43.13 20.79
N ALA A 14 10.95 -42.41 21.78
CA ALA A 14 10.61 -41.00 21.95
C ALA A 14 11.12 -40.18 20.77
N LEU A 15 12.36 -40.42 20.37
CA LEU A 15 12.97 -39.72 19.26
C LEU A 15 12.26 -40.08 17.97
N GLY A 16 11.95 -41.37 17.82
CA GLY A 16 11.31 -41.86 16.61
C GLY A 16 9.96 -41.19 16.45
N GLY A 17 9.26 -41.09 17.58
CA GLY A 17 7.96 -40.43 17.64
C GLY A 17 8.05 -38.95 17.30
N LEU A 18 9.04 -38.27 17.88
CA LEU A 18 9.27 -36.87 17.60
C LEU A 18 9.57 -36.64 16.11
N PHE A 19 10.43 -37.46 15.52
CA PHE A 19 10.70 -37.37 14.09
C PHE A 19 9.43 -37.50 13.25
N GLN A 20 8.61 -38.51 13.54
CA GLN A 20 7.34 -38.69 12.81
C GLN A 20 6.38 -37.52 12.98
N THR A 21 6.38 -36.93 14.17
CA THR A 21 5.57 -35.72 14.39
C THR A 21 6.01 -34.57 13.50
N ILE A 22 7.31 -34.31 13.47
CA ILE A 22 7.82 -33.21 12.64
C ILE A 22 7.51 -33.44 11.17
N ILE A 23 7.73 -34.66 10.71
CA ILE A 23 7.39 -35.03 9.35
C ILE A 23 5.89 -34.86 9.09
N SER A 24 5.07 -35.25 10.04
CA SER A 24 3.63 -35.16 9.87
CA SER A 24 3.63 -35.15 9.91
C SER A 24 3.18 -33.70 9.86
N ASP A 25 3.77 -32.88 10.73
CA ASP A 25 3.45 -31.46 10.75
C ASP A 25 3.79 -30.79 9.43
N MSE A 26 4.98 -31.09 8.90
CA MSE A 26 5.38 -30.58 7.60
C MSE A 26 4.43 -31.00 6.49
O MSE A 26 3.98 -30.18 5.69
CB MSE A 26 6.83 -30.98 7.30
CG MSE A 26 7.81 -30.11 8.05
SE MSE A 26 9.62 -30.35 7.45
CE MSE A 26 9.70 -32.31 7.48
N LYS A 27 4.13 -32.28 6.45
CA LYS A 27 3.18 -32.80 5.49
C LYS A 27 1.79 -32.19 5.53
N GLY A 28 1.33 -31.74 6.70
CA GLY A 28 -0.03 -31.21 6.85
C GLY A 28 -0.06 -29.70 6.68
N SER A 29 1.10 -29.11 6.43
CA SER A 29 1.24 -27.63 6.36
C SER A 29 0.75 -27.05 5.03
N TYR A 30 0.67 -27.89 3.99
CA TYR A 30 0.48 -27.35 2.63
C TYR A 30 -0.80 -26.53 2.38
N PRO A 31 -1.96 -26.95 2.93
CA PRO A 31 -3.18 -26.15 2.77
C PRO A 31 -3.05 -24.70 3.25
N VAL A 32 -2.33 -24.48 4.35
CA VAL A 32 -2.10 -23.12 4.84
C VAL A 32 -1.20 -22.35 3.86
N TRP A 33 -0.09 -22.97 3.44
CA TRP A 33 0.80 -22.35 2.47
C TRP A 33 0.07 -22.02 1.18
N GLU A 34 -0.73 -22.96 0.67
CA GLU A 34 -1.50 -22.79 -0.58
CA GLU A 34 -1.44 -22.74 -0.60
C GLU A 34 -2.53 -21.66 -0.49
N ASP A 35 -3.19 -21.57 0.66
CA ASP A 35 -4.17 -20.50 0.89
C ASP A 35 -3.46 -19.14 0.87
N PHE A 36 -2.25 -19.09 1.45
CA PHE A 36 -1.43 -17.85 1.47
C PHE A 36 -1.05 -17.44 0.05
N ILE A 37 -0.58 -18.39 -0.73
CA ILE A 37 -0.28 -18.13 -2.13
C ILE A 37 -1.48 -17.59 -2.90
N ASN A 38 -2.63 -18.26 -2.77
CA ASN A 38 -3.87 -17.84 -3.40
C ASN A 38 -4.24 -16.39 -3.05
N LYS A 39 -4.24 -16.08 -1.76
CA LYS A 39 -4.67 -14.78 -1.28
C LYS A 39 -3.64 -13.67 -1.61
N ALA A 40 -2.36 -14.03 -1.57
CA ALA A 40 -1.32 -13.08 -2.03
C ALA A 40 -1.54 -12.76 -3.52
N GLY A 41 -1.88 -13.80 -4.29
CA GLY A 41 -2.19 -13.61 -5.73
C GLY A 41 -3.35 -12.68 -5.99
N LYS A 42 -4.42 -12.89 -5.24
CA LYS A 42 -5.62 -12.07 -5.34
C LYS A 42 -5.32 -10.62 -4.97
N LEU A 43 -4.53 -10.40 -3.91
CA LEU A 43 -4.09 -9.02 -3.56
C LEU A 43 -3.23 -8.39 -4.65
N GLN A 44 -2.25 -9.14 -5.14
CA GLN A 44 -1.39 -8.61 -6.19
C GLN A 44 -2.16 -8.21 -7.45
N SER A 45 -3.11 -9.05 -7.88
CA SER A 45 -4.01 -8.71 -8.98
C SER A 45 -4.76 -7.38 -8.80
N GLN A 46 -5.29 -7.15 -7.60
CA GLN A 46 -6.01 -5.90 -7.32
CA GLN A 46 -6.02 -5.92 -7.33
C GLN A 46 -5.07 -4.71 -7.23
N LEU A 47 -3.86 -4.94 -6.72
CA LEU A 47 -2.86 -3.87 -6.67
C LEU A 47 -2.51 -3.42 -8.08
N ARG A 48 -2.44 -4.36 -9.01
CA ARG A 48 -2.11 -4.04 -10.39
C ARG A 48 -3.19 -3.12 -10.98
N THR A 49 -4.43 -3.46 -10.75
CA THR A 49 -5.59 -2.67 -11.18
C THR A 49 -5.67 -1.31 -10.47
N THR A 50 -5.31 -1.30 -9.18
CA THR A 50 -5.25 -0.04 -8.44
C THR A 50 -4.23 0.91 -9.03
N VAL A 51 -3.05 0.41 -9.40
CA VAL A 51 -1.99 1.28 -9.91
C VAL A 51 -2.44 1.93 -11.24
N VAL A 52 -3.14 1.17 -12.07
CA VAL A 52 -3.68 1.74 -13.32
C VAL A 52 -4.74 2.82 -12.99
N ALA A 53 -5.62 2.54 -12.05
CA ALA A 53 -6.64 3.53 -11.70
C ALA A 53 -5.99 4.76 -11.04
N ALA A 54 -4.92 4.55 -10.29
CA ALA A 54 -4.21 5.69 -9.64
C ALA A 54 -3.56 6.57 -10.73
N ALA A 55 -2.99 5.94 -11.77
CA ALA A 55 -2.35 6.74 -12.82
C ALA A 55 -3.39 7.55 -13.57
N ALA A 56 -4.58 6.98 -13.79
CA ALA A 56 -5.62 7.71 -14.52
C ALA A 56 -6.15 8.88 -13.67
N PHE A 57 -6.28 8.63 -12.37
CA PHE A 57 -6.64 9.69 -11.45
C PHE A 57 -5.59 10.82 -11.46
N LEU A 58 -4.31 10.47 -11.38
CA LEU A 58 -3.30 11.51 -11.41
C LEU A 58 -3.29 12.30 -12.74
N ASP A 59 -3.55 11.64 -13.87
CA ASP A 59 -3.70 12.37 -15.13
C ASP A 59 -4.81 13.42 -15.01
N ALA A 60 -5.95 13.04 -14.42
CA ALA A 60 -7.07 13.97 -14.27
C ALA A 60 -6.72 15.07 -13.30
N PHE A 61 -6.00 14.72 -12.24
CA PHE A 61 -5.63 15.67 -11.19
C PHE A 61 -4.73 16.73 -11.83
N GLN A 62 -3.81 16.30 -12.68
CA GLN A 62 -2.91 17.24 -13.37
C GLN A 62 -3.64 18.21 -14.32
N LYS A 63 -4.68 17.72 -14.98
CA LYS A 63 -5.50 18.63 -15.79
C LYS A 63 -6.21 19.70 -14.98
N VAL A 64 -6.63 19.35 -13.77
CA VAL A 64 -7.19 20.33 -12.82
C VAL A 64 -6.12 21.37 -12.43
N ALA A 65 -4.92 20.91 -12.09
CA ALA A 65 -3.80 21.75 -11.74
C ALA A 65 -3.48 22.71 -12.91
N ASP A 66 -3.44 22.17 -14.12
CA ASP A 66 -3.17 22.96 -15.36
C ASP A 66 -4.20 24.07 -15.50
N MSE A 67 -5.46 23.72 -15.30
CA MSE A 67 -6.54 24.70 -15.39
C MSE A 67 -6.31 25.87 -14.44
O MSE A 67 -6.40 27.03 -14.86
CB MSE A 67 -7.87 24.00 -15.08
CG MSE A 67 -9.10 24.81 -15.32
SE MSE A 67 -10.60 23.56 -15.47
CE MSE A 67 -10.58 22.83 -13.58
N ALA A 68 -5.99 25.60 -13.18
CA ALA A 68 -5.69 26.68 -12.22
C ALA A 68 -4.45 27.47 -12.61
N THR A 69 -3.43 26.76 -13.06
CA THR A 69 -2.18 27.38 -13.45
C THR A 69 -2.36 28.43 -14.53
N ASN A 70 -3.30 28.19 -15.44
CA ASN A 70 -3.55 29.12 -16.52
C ASN A 70 -4.70 30.11 -16.34
N THR A 71 -5.02 30.42 -15.10
CA THR A 71 -5.94 31.52 -14.81
C THR A 71 -5.15 32.81 -14.49
N ARG A 72 -5.42 33.44 -13.35
CA ARG A 72 -4.94 34.81 -13.06
C ARG A 72 -4.53 34.93 -11.60
N GLY A 73 -3.52 35.74 -11.33
CA GLY A 73 -3.17 36.08 -9.96
C GLY A 73 -2.84 34.90 -9.08
N GLY A 74 -3.35 34.93 -7.86
CA GLY A 74 -3.07 33.89 -6.86
C GLY A 74 -3.49 32.50 -7.29
N THR A 75 -4.53 32.42 -8.12
CA THR A 75 -4.97 31.10 -8.59
C THR A 75 -3.88 30.39 -9.39
N ARG A 76 -3.01 31.15 -10.07
CA ARG A 76 -1.89 30.54 -10.80
C ARG A 76 -0.91 29.83 -9.86
N GLU A 77 -0.56 30.48 -8.74
CA GLU A 77 0.26 29.87 -7.68
C GLU A 77 -0.39 28.61 -7.11
N ILE A 78 -1.70 28.64 -6.95
CA ILE A 78 -2.41 27.45 -6.48
C ILE A 78 -2.18 26.31 -7.48
N GLY A 79 -2.35 26.61 -8.76
CA GLY A 79 -2.09 25.63 -9.83
C GLY A 79 -0.69 25.06 -9.75
N SER A 80 0.31 25.91 -9.58
CA SER A 80 1.69 25.42 -9.45
C SER A 80 1.88 24.49 -8.25
N ALA A 81 1.27 24.84 -7.11
CA ALA A 81 1.36 23.98 -5.93
C ALA A 81 0.67 22.65 -6.15
N LEU A 82 -0.47 22.66 -6.85
CA LEU A 82 -1.22 21.42 -7.14
C LEU A 82 -0.37 20.51 -8.05
N THR A 83 0.35 21.13 -8.99
CA THR A 83 1.26 20.37 -9.85
C THR A 83 2.36 19.71 -9.01
N ARG A 84 2.93 20.45 -8.04
CA ARG A 84 3.89 19.83 -7.15
CA ARG A 84 3.88 19.87 -7.09
C ARG A 84 3.28 18.65 -6.38
N MSE A 85 2.03 18.77 -5.93
CA MSE A 85 1.37 17.64 -5.29
CA MSE A 85 1.37 17.63 -5.28
C MSE A 85 1.24 16.44 -6.22
O MSE A 85 1.52 15.31 -5.84
CB MSE A 85 -0.03 18.04 -4.81
CB MSE A 85 -0.04 18.02 -4.75
CG MSE A 85 -0.86 16.88 -4.35
CG MSE A 85 -0.62 16.97 -3.78
SE MSE A 85 -2.24 17.49 -3.18
SE MSE A 85 0.47 16.61 -2.16
CE MSE A 85 -1.15 17.75 -1.58
CE MSE A 85 0.02 18.10 -1.00
N CYS A 86 0.81 16.69 -7.44
CA CYS A 86 0.57 15.64 -8.42
C CYS A 86 1.90 14.92 -8.74
N MSE A 87 2.96 15.69 -8.98
CA MSE A 87 4.24 15.03 -9.29
C MSE A 87 4.75 14.17 -8.14
O MSE A 87 5.37 13.12 -8.35
CB MSE A 87 5.29 16.07 -9.67
CG MSE A 87 5.03 16.79 -11.02
SE MSE A 87 6.44 18.12 -11.45
CE MSE A 87 6.22 19.36 -10.03
N ARG A 88 4.63 14.67 -6.91
CA ARG A 88 5.02 13.85 -5.74
C ARG A 88 4.21 12.56 -5.66
N HIS A 89 2.93 12.64 -6.00
CA HIS A 89 2.13 11.38 -6.07
C HIS A 89 2.57 10.44 -7.16
N ARG A 90 3.14 10.94 -8.26
CA ARG A 90 3.68 10.03 -9.26
C ARG A 90 4.80 9.17 -8.68
N SER A 91 5.57 9.72 -7.73
CA SER A 91 6.62 8.94 -7.06
CA SER A 91 6.61 8.93 -7.07
C SER A 91 6.04 7.81 -6.21
N ILE A 92 4.95 8.11 -5.49
CA ILE A 92 4.25 7.09 -4.72
C ILE A 92 3.66 6.00 -5.62
N GLU A 93 3.02 6.39 -6.72
CA GLU A 93 2.48 5.44 -7.69
C GLU A 93 3.59 4.49 -8.20
N ALA A 94 4.75 5.05 -8.47
CA ALA A 94 5.90 4.26 -8.97
C ALA A 94 6.33 3.22 -7.96
N LYS A 95 6.32 3.61 -6.67
CA LYS A 95 6.75 2.74 -5.61
C LYS A 95 5.72 1.66 -5.38
N LEU A 96 4.45 2.04 -5.54
CA LEU A 96 3.37 1.04 -5.51
C LEU A 96 3.56 -0.03 -6.62
N ARG A 97 3.91 0.40 -7.84
CA ARG A 97 4.18 -0.53 -8.94
C ARG A 97 5.35 -1.45 -8.61
N GLN A 98 6.40 -0.90 -8.00
CA GLN A 98 7.56 -1.70 -7.61
C GLN A 98 7.19 -2.73 -6.55
N PHE A 99 6.34 -2.33 -5.60
CA PHE A 99 5.86 -3.23 -4.55
C PHE A 99 5.05 -4.39 -5.16
N SER A 100 4.13 -4.05 -6.04
CA SER A 100 3.33 -5.04 -6.78
CA SER A 100 3.34 -5.05 -6.78
C SER A 100 4.19 -6.05 -7.54
N SER A 101 5.22 -5.55 -8.24
CA SER A 101 6.15 -6.41 -8.99
CA SER A 101 6.17 -6.39 -8.99
C SER A 101 6.96 -7.31 -8.07
N ALA A 102 7.41 -6.76 -6.93
CA ALA A 102 8.19 -7.54 -5.98
C ALA A 102 7.31 -8.60 -5.36
N LEU A 103 6.06 -8.25 -5.09
CA LEU A 103 5.15 -9.22 -4.50
C LEU A 103 5.03 -10.46 -5.38
N ILE A 104 4.97 -10.28 -6.69
CA ILE A 104 4.84 -11.45 -7.56
C ILE A 104 6.20 -12.10 -7.87
N ASP A 105 7.24 -11.30 -8.12
CA ASP A 105 8.55 -11.83 -8.53
C ASP A 105 9.34 -12.44 -7.40
N CYS A 106 9.23 -11.86 -6.20
CA CYS A 106 10.05 -12.32 -5.09
C CYS A 106 9.29 -13.26 -4.17
N LEU A 107 7.97 -13.17 -4.13
CA LEU A 107 7.22 -13.93 -3.14
C LEU A 107 6.27 -14.95 -3.74
N ILE A 108 5.27 -14.52 -4.51
CA ILE A 108 4.19 -15.45 -4.94
C ILE A 108 4.75 -16.53 -5.87
N ASN A 109 5.35 -16.12 -6.96
CA ASN A 109 5.89 -17.14 -7.87
C ASN A 109 6.96 -18.06 -7.24
N PRO A 110 8.01 -17.50 -6.57
CA PRO A 110 8.94 -18.37 -5.85
C PRO A 110 8.27 -19.32 -4.83
N LEU A 111 7.31 -18.81 -4.06
CA LEU A 111 6.71 -19.66 -3.06
C LEU A 111 5.98 -20.80 -3.76
N GLN A 112 5.33 -20.48 -4.88
CA GLN A 112 4.57 -21.47 -5.63
C GLN A 112 5.47 -22.56 -6.18
N GLU A 113 6.62 -22.16 -6.71
CA GLU A 113 7.61 -23.13 -7.21
C GLU A 113 8.20 -23.94 -6.04
N GLN A 114 8.30 -23.31 -4.89
CA GLN A 114 8.89 -23.97 -3.73
C GLN A 114 8.09 -25.17 -3.19
N MSE A 115 6.77 -25.15 -3.37
CA MSE A 115 5.89 -26.16 -2.76
CA MSE A 115 5.87 -26.16 -2.81
C MSE A 115 6.28 -27.59 -3.10
O MSE A 115 6.42 -28.43 -2.21
CB MSE A 115 4.41 -25.91 -3.14
CB MSE A 115 4.46 -25.96 -3.34
CG MSE A 115 3.84 -24.59 -2.64
CG MSE A 115 3.85 -24.67 -2.92
SE MSE A 115 4.07 -24.31 -0.70
SE MSE A 115 3.12 -24.81 -1.15
CE MSE A 115 3.02 -25.77 -0.10
CE MSE A 115 4.58 -25.38 -0.08
N GLU A 116 6.44 -27.87 -4.39
CA GLU A 116 6.81 -29.21 -4.83
C GLU A 116 8.20 -29.61 -4.33
N GLU A 117 9.14 -28.67 -4.28
CA GLU A 117 10.48 -28.99 -3.79
C GLU A 117 10.50 -29.24 -2.31
N TRP A 118 9.70 -28.50 -1.54
CA TRP A 118 9.52 -28.81 -0.11
C TRP A 118 8.96 -30.23 0.10
N LYS A 119 7.96 -30.60 -0.70
CA LYS A 119 7.38 -31.96 -0.60
C LYS A 119 8.39 -33.04 -0.91
N LYS A 120 9.19 -32.84 -1.95
CA LYS A 120 10.18 -33.83 -2.36
CA LYS A 120 10.17 -33.82 -2.37
C LYS A 120 11.25 -34.01 -1.28
N VAL A 121 11.68 -32.91 -0.67
CA VAL A 121 12.76 -32.95 0.30
C VAL A 121 12.27 -33.58 1.60
N ALA A 122 11.05 -33.25 2.01
CA ALA A 122 10.49 -33.83 3.21
C ALA A 122 10.31 -35.33 3.04
N ASN A 123 9.77 -35.74 1.90
CA ASN A 123 9.57 -37.15 1.59
CA ASN A 123 9.57 -37.15 1.61
C ASN A 123 10.89 -37.91 1.57
N GLN A 124 11.93 -37.28 1.05
CA GLN A 124 13.25 -37.93 0.98
C GLN A 124 13.84 -38.09 2.37
N LEU A 125 13.62 -37.11 3.24
CA LEU A 125 14.15 -37.19 4.59
C LEU A 125 13.47 -38.36 5.31
N ASP A 126 12.18 -38.51 5.06
CA ASP A 126 11.42 -39.63 5.64
C ASP A 126 11.95 -40.98 5.15
N LYS A 127 12.14 -41.10 3.84
CA LYS A 127 12.68 -42.34 3.26
C LYS A 127 14.11 -42.67 3.69
N ASP A 128 14.97 -41.67 3.76
CA ASP A 128 16.34 -41.87 4.22
C ASP A 128 16.36 -42.38 5.67
N HIS A 129 15.57 -41.75 6.54
CA HIS A 129 15.45 -42.18 7.92
C HIS A 129 14.95 -43.62 8.04
N ALA A 130 13.91 -43.97 7.28
CA ALA A 130 13.40 -45.34 7.31
C ALA A 130 14.47 -46.36 6.91
N LYS A 131 15.29 -45.99 5.93
CA LYS A 131 16.38 -46.85 5.47
C LYS A 131 17.45 -47.05 6.54
N GLU A 132 17.85 -45.94 7.16
CA GLU A 132 18.86 -45.98 8.23
C GLU A 132 18.33 -46.68 9.48
N TYR A 133 17.05 -46.48 9.78
CA TYR A 133 16.43 -47.13 10.91
C TYR A 133 16.45 -48.65 10.72
N LYS A 134 16.08 -49.09 9.52
CA LYS A 134 16.04 -50.50 9.18
C LYS A 134 17.40 -51.16 9.37
N LYS A 135 18.44 -50.55 8.79
CA LYS A 135 19.80 -51.03 8.93
C LYS A 135 20.23 -51.13 10.38
N ALA A 136 19.92 -50.10 11.19
CA ALA A 136 20.30 -50.11 12.59
C ALA A 136 19.63 -51.25 13.36
N ARG A 137 18.34 -51.47 13.10
CA ARG A 137 17.65 -52.61 13.70
C ARG A 137 18.25 -53.95 13.25
N GLN A 138 18.54 -54.07 11.96
CA GLN A 138 19.19 -55.28 11.47
C GLN A 138 20.47 -55.56 12.22
N GLU A 139 21.30 -54.53 12.39
CA GLU A 139 22.54 -54.67 13.15
C GLU A 139 22.28 -55.19 14.57
N ILE A 140 21.29 -54.62 15.25
CA ILE A 140 20.92 -55.12 16.58
C ILE A 140 20.46 -56.56 16.52
N LYS A 141 19.70 -56.89 15.48
CA LYS A 141 19.19 -58.26 15.34
C LYS A 141 20.32 -59.26 15.18
N LYS A 142 21.29 -58.92 14.35
CA LYS A 142 22.45 -59.78 14.08
C LYS A 142 23.33 -60.01 15.31
N LYS A 143 23.56 -58.97 16.11
CA LYS A 143 24.40 -59.10 17.31
C LYS A 143 23.65 -59.78 18.45
N SER A 144 22.34 -59.53 18.53
CA SER A 144 21.52 -60.25 19.51
C SER A 144 21.44 -61.73 19.13
N SER A 145 21.61 -62.00 17.85
CA SER A 145 21.63 -63.36 17.35
C SER A 145 22.89 -64.10 17.78
N ASP A 146 24.05 -63.45 17.63
CA ASP A 146 25.31 -64.05 18.03
C ASP A 146 25.35 -64.26 19.54
N THR A 147 24.81 -63.29 20.27
CA THR A 147 24.75 -63.40 21.72
C THR A 147 23.82 -64.55 22.13
N LEU A 148 22.97 -65.00 21.21
CA LEU A 148 22.15 -66.18 21.47
C LEU A 148 22.97 -67.45 21.22
N LYS A 149 23.75 -67.43 20.15
CA LYS A 149 24.69 -68.51 19.86
C LYS A 149 25.61 -68.73 21.06
N LEU A 150 26.44 -67.73 21.34
CA LEU A 150 27.34 -67.76 22.49
C LEU A 150 26.68 -68.22 23.79
N GLN A 151 25.51 -67.67 24.09
CA GLN A 151 24.82 -67.96 25.35
C GLN A 151 24.32 -69.41 25.44
N LYS A 152 24.10 -70.04 24.29
CA LYS A 152 23.64 -71.42 24.26
C LYS A 152 24.83 -72.37 24.29
N LYS A 153 25.96 -71.91 23.76
CA LYS A 153 27.19 -72.70 23.76
C LYS A 153 27.98 -72.51 25.06
N ALA A 154 27.51 -71.60 25.91
CA ALA A 154 28.16 -71.34 27.19
C ALA A 154 27.56 -72.19 28.30
N LYS A 155 26.39 -72.77 28.04
CA LYS A 155 25.72 -73.62 29.02
C LYS A 155 26.48 -74.93 29.25
N LYS A 156 27.41 -75.22 28.34
CA LYS A 156 28.28 -76.38 28.48
C LYS A 156 29.55 -75.97 29.20
N VAL A 157 29.48 -75.92 30.53
CA VAL A 157 30.59 -75.51 31.38
C VAL A 157 31.63 -76.63 31.53
N ASP A 158 31.44 -77.71 30.78
CA ASP A 158 32.27 -78.91 30.92
C ASP A 158 33.57 -78.89 30.12
N ALA A 159 33.75 -77.86 29.30
CA ALA A 159 35.00 -77.68 28.56
C ALA A 159 35.71 -76.43 29.04
N GLN A 160 35.42 -76.05 30.28
CA GLN A 160 35.90 -74.80 30.89
C GLN A 160 35.72 -73.60 29.96
N GLY A 161 34.61 -73.59 29.23
CA GLY A 161 34.15 -72.41 28.54
C GLY A 161 33.51 -71.52 29.59
N ARG A 162 34.36 -70.91 30.40
CA ARG A 162 33.92 -70.02 31.46
C ARG A 162 35.01 -68.97 31.66
N GLY A 163 36.25 -69.41 31.60
CA GLY A 163 37.40 -68.51 31.63
C GLY A 163 37.71 -68.02 30.23
N ASP A 164 37.13 -68.69 29.24
CA ASP A 164 37.31 -68.31 27.85
C ASP A 164 36.03 -67.88 27.15
N ILE A 165 34.92 -68.56 27.42
CA ILE A 165 33.67 -68.20 26.76
C ILE A 165 32.97 -66.99 27.40
N GLN A 166 33.17 -66.80 28.70
CA GLN A 166 32.53 -65.70 29.42
C GLN A 166 33.03 -64.31 29.01
N PRO A 167 34.36 -64.17 28.83
CA PRO A 167 34.88 -62.93 28.27
C PRO A 167 34.30 -62.64 26.88
N GLN A 168 34.10 -63.69 26.09
CA GLN A 168 33.47 -63.56 24.78
C GLN A 168 32.04 -63.08 24.94
N LEU A 169 31.31 -63.73 25.85
CA LEU A 169 29.92 -63.43 26.11
C LEU A 169 29.72 -62.01 26.65
N ASP A 170 30.66 -61.55 27.46
CA ASP A 170 30.63 -60.18 27.98
C ASP A 170 30.75 -59.17 26.84
N SER A 171 31.66 -59.45 25.90
CA SER A 171 31.86 -58.57 24.75
C SER A 171 30.70 -58.62 23.77
N ALA A 172 30.12 -59.79 23.59
CA ALA A 172 28.96 -59.95 22.72
C ALA A 172 27.79 -59.10 23.23
N LEU A 173 27.57 -59.14 24.53
CA LEU A 173 26.52 -58.33 25.15
C LEU A 173 26.82 -56.85 25.05
N GLN A 174 28.10 -56.51 25.17
CA GLN A 174 28.56 -55.14 25.04
C GLN A 174 28.29 -54.63 23.63
N ASP A 175 28.58 -55.47 22.63
CA ASP A 175 28.37 -55.11 21.24
C ASP A 175 26.90 -54.86 20.96
N VAL A 176 26.04 -55.66 21.56
CA VAL A 176 24.60 -55.44 21.43
C VAL A 176 24.25 -54.03 21.91
N ASN A 177 24.72 -53.70 23.12
CA ASN A 177 24.51 -52.36 23.69
C ASN A 177 25.06 -51.26 22.80
N ASP A 178 26.20 -51.54 22.15
CA ASP A 178 26.80 -50.63 21.18
C ASP A 178 25.84 -50.37 20.04
N LYS A 179 25.08 -51.38 19.63
CA LYS A 179 24.19 -51.24 18.48
C LYS A 179 22.93 -50.47 18.84
N TYR A 180 22.46 -50.66 20.07
CA TYR A 180 21.37 -49.85 20.57
C TYR A 180 21.76 -48.38 20.62
N LEU A 181 22.96 -48.08 21.08
CA LEU A 181 23.42 -46.70 21.12
C LEU A 181 23.51 -46.12 19.71
N LEU A 182 23.95 -46.95 18.77
CA LEU A 182 24.03 -46.52 17.37
C LEU A 182 22.65 -46.17 16.82
N LEU A 183 21.64 -46.96 17.19
CA LEU A 183 20.26 -46.67 16.79
C LEU A 183 19.82 -45.35 17.40
N GLU A 184 20.11 -45.15 18.68
CA GLU A 184 19.74 -43.89 19.32
C GLU A 184 20.36 -42.70 18.59
N GLU A 185 21.62 -42.83 18.20
CA GLU A 185 22.34 -41.74 17.54
C GLU A 185 21.75 -41.45 16.18
N THR A 186 21.37 -42.52 15.48
CA THR A 186 20.68 -42.41 14.20
C THR A 186 19.36 -41.63 14.36
N GLU A 187 18.63 -41.92 15.43
CA GLU A 187 17.37 -41.23 15.67
C GLU A 187 17.58 -39.77 16.02
N LYS A 188 18.59 -39.49 16.84
CA LYS A 188 18.88 -38.11 17.22
C LYS A 188 19.26 -37.27 16.02
N GLN A 189 20.07 -37.85 15.13
CA GLN A 189 20.47 -37.12 13.93
CA GLN A 189 20.48 -37.16 13.91
C GLN A 189 19.30 -36.93 12.97
N ALA A 190 18.40 -37.92 12.87
CA ALA A 190 17.18 -37.77 12.08
C ALA A 190 16.33 -36.60 12.59
N VAL A 191 16.12 -36.54 13.91
CA VAL A 191 15.39 -35.43 14.51
C VAL A 191 16.08 -34.10 14.20
N ARG A 192 17.40 -34.08 14.30
CA ARG A 192 18.13 -32.86 14.04
C ARG A 192 17.86 -32.37 12.62
N LYS A 193 18.00 -33.26 11.64
CA LYS A 193 17.74 -32.91 10.26
C LYS A 193 16.31 -32.45 10.03
N ALA A 194 15.37 -33.08 10.71
CA ALA A 194 13.95 -32.72 10.51
C ALA A 194 13.68 -31.35 11.07
N LEU A 195 14.24 -31.06 12.24
CA LEU A 195 14.14 -29.73 12.88
C LEU A 195 14.77 -28.65 12.01
N ILE A 196 15.95 -28.93 11.45
CA ILE A 196 16.59 -27.99 10.55
C ILE A 196 15.74 -27.69 9.30
N GLU A 197 15.14 -28.73 8.71
CA GLU A 197 14.30 -28.53 7.54
C GLU A 197 13.02 -27.75 7.89
N GLU A 198 12.40 -28.08 9.01
CA GLU A 198 11.21 -27.36 9.49
C GLU A 198 11.46 -25.86 9.59
N ARG A 199 12.55 -25.50 10.27
CA ARG A 199 12.91 -24.09 10.45
C ARG A 199 13.34 -23.46 9.11
N GLY A 200 14.01 -24.23 8.28
CA GLY A 200 14.52 -23.75 7.00
C GLY A 200 13.42 -23.31 6.05
N ARG A 201 12.29 -24.01 6.10
CA ARG A 201 11.13 -23.61 5.33
C ARG A 201 10.67 -22.19 5.68
N PHE A 202 10.56 -21.88 6.96
CA PHE A 202 10.22 -20.51 7.35
C PHE A 202 11.34 -19.52 7.06
N CYS A 203 12.59 -19.96 7.15
CA CYS A 203 13.71 -19.07 6.77
C CYS A 203 13.64 -18.67 5.29
N THR A 204 13.32 -19.66 4.44
CA THR A 204 13.14 -19.45 3.01
C THR A 204 12.00 -18.46 2.75
N PHE A 205 10.83 -18.72 3.34
CA PHE A 205 9.69 -17.82 3.27
C PHE A 205 10.10 -16.37 3.66
N ILE A 206 10.77 -16.23 4.79
CA ILE A 206 11.19 -14.87 5.22
C ILE A 206 12.13 -14.19 4.19
N SER A 207 13.05 -14.96 3.60
CA SER A 207 13.92 -14.42 2.57
CA SER A 207 13.93 -14.44 2.55
C SER A 207 13.15 -13.92 1.35
N MSE A 208 12.00 -14.54 1.06
CA MSE A 208 11.17 -14.11 -0.08
C MSE A 208 10.35 -12.89 0.29
O MSE A 208 10.14 -11.98 -0.50
CB MSE A 208 10.20 -15.24 -0.47
CG MSE A 208 10.88 -16.44 -1.10
SE MSE A 208 9.59 -17.90 -1.14
CE MSE A 208 10.70 -19.20 -1.85
N LEU A 209 9.85 -12.88 1.51
CA LEU A 209 9.07 -11.76 2.03
C LEU A 209 9.85 -10.42 2.24
N ARG A 210 11.10 -10.49 2.69
CA ARG A 210 11.82 -9.27 3.06
CA ARG A 210 11.84 -9.28 3.05
C ARG A 210 12.01 -8.23 1.93
N PRO A 211 12.37 -8.66 0.68
CA PRO A 211 12.44 -7.63 -0.37
C PRO A 211 11.08 -6.99 -0.72
N VAL A 212 9.98 -7.72 -0.51
CA VAL A 212 8.67 -7.12 -0.69
C VAL A 212 8.44 -6.01 0.34
N ILE A 213 8.71 -6.34 1.59
CA ILE A 213 8.61 -5.33 2.65
C ILE A 213 9.55 -4.13 2.43
N GLU A 214 10.76 -4.37 1.92
CA GLU A 214 11.63 -3.27 1.55
C GLU A 214 10.99 -2.24 0.62
N GLU A 215 10.21 -2.70 -0.35
CA GLU A 215 9.58 -1.75 -1.28
C GLU A 215 8.54 -0.91 -0.54
N GLU A 216 7.88 -1.52 0.43
CA GLU A 216 6.93 -0.80 1.27
C GLU A 216 7.63 0.26 2.13
N ILE A 217 8.71 -0.15 2.80
CA ILE A 217 9.50 0.75 3.62
C ILE A 217 10.04 1.96 2.81
N SER A 218 10.28 1.77 1.51
CA SER A 218 10.81 2.87 0.69
CA SER A 218 10.80 2.86 0.67
C SER A 218 9.83 4.04 0.58
N MSE A 219 8.58 3.78 0.93
CA MSE A 219 7.57 4.84 0.86
CA MSE A 219 7.51 4.79 0.93
C MSE A 219 7.66 5.86 1.98
O MSE A 219 7.03 6.92 1.89
CB MSE A 219 6.19 4.21 0.82
CB MSE A 219 6.17 4.10 1.19
CG MSE A 219 6.03 3.32 -0.39
CG MSE A 219 5.67 3.37 0.00
SE MSE A 219 4.30 2.45 -0.31
SE MSE A 219 4.99 4.58 -1.34
CE MSE A 219 4.50 1.08 -1.76
CE MSE A 219 3.68 3.37 -2.06
N LEU A 220 8.46 5.59 3.00
CA LEU A 220 8.63 6.57 4.08
C LEU A 220 9.27 7.87 3.58
N GLY A 221 10.14 7.77 2.57
CA GLY A 221 10.78 8.97 2.02
C GLY A 221 9.81 10.01 1.42
N GLU A 222 8.58 9.59 1.13
CA GLU A 222 7.58 10.46 0.48
C GLU A 222 6.90 11.40 1.46
N ILE A 223 6.93 11.04 2.75
CA ILE A 223 6.06 11.69 3.72
C ILE A 223 6.42 13.16 3.91
N THR A 224 7.71 13.44 4.06
CA THR A 224 8.10 14.82 4.31
C THR A 224 7.65 15.75 3.16
N HIS A 225 7.68 15.24 1.94
CA HIS A 225 7.33 16.03 0.76
C HIS A 225 5.82 16.29 0.73
N LEU A 226 5.01 15.31 1.12
CA LEU A 226 3.54 15.54 1.17
C LEU A 226 3.25 16.57 2.22
N GLN A 227 3.98 16.52 3.32
CA GLN A 227 3.70 17.47 4.42
C GLN A 227 3.96 18.93 3.99
N THR A 228 5.09 19.11 3.32
CA THR A 228 5.51 20.44 2.86
C THR A 228 4.54 21.00 1.83
N ILE A 229 4.13 20.15 0.91
CA ILE A 229 3.24 20.63 -0.15
C ILE A 229 1.88 20.93 0.42
N SER A 230 1.44 20.13 1.39
CA SER A 230 0.13 20.38 1.91
C SER A 230 0.13 21.70 2.72
N GLU A 231 1.23 22.00 3.41
CA GLU A 231 1.32 23.28 4.11
CA GLU A 231 1.38 23.28 4.11
C GLU A 231 1.33 24.45 3.12
N ASP A 232 1.98 24.29 1.97
CA ASP A 232 1.97 25.32 0.94
CA ASP A 232 1.96 25.31 0.92
C ASP A 232 0.54 25.53 0.40
N LEU A 233 -0.19 24.45 0.15
CA LEU A 233 -1.57 24.58 -0.34
C LEU A 233 -2.46 25.31 0.67
N LYS A 234 -2.33 24.94 1.95
CA LYS A 234 -3.07 25.63 3.00
CA LYS A 234 -3.05 25.63 3.02
C LYS A 234 -2.74 27.13 3.01
N SER A 235 -1.46 27.47 2.93
CA SER A 235 -1.07 28.89 2.94
C SER A 235 -1.59 29.66 1.72
N LEU A 236 -1.69 28.99 0.57
CA LEU A 236 -2.20 29.61 -0.67
C LEU A 236 -3.71 29.80 -0.79
N THR A 237 -4.46 29.21 0.15
CA THR A 237 -5.93 29.20 0.04
C THR A 237 -6.58 29.93 1.21
N MSE A 238 -5.79 30.76 1.87
CA MSE A 238 -6.27 31.60 2.94
C MSE A 238 -7.37 32.54 2.42
O MSE A 238 -7.35 32.95 1.26
CB MSE A 238 -5.14 32.44 3.52
CG MSE A 238 -4.05 31.63 4.21
SE MSE A 238 -4.77 30.48 5.61
CE MSE A 238 -3.28 30.60 6.90
N ASP A 239 -8.30 32.86 3.32
CA ASP A 239 -9.38 33.83 3.05
C ASP A 239 -9.94 33.78 1.63
N PRO A 240 -10.66 32.69 1.29
CA PRO A 240 -11.21 32.47 -0.04
C PRO A 240 -12.26 33.51 -0.46
N HIS A 241 -12.76 34.26 0.52
CA HIS A 241 -13.82 35.24 0.29
C HIS A 241 -13.25 36.59 -0.13
N LYS A 242 -11.94 36.67 -0.21
CA LYS A 242 -11.24 37.94 -0.35
C LYS A 242 -10.19 37.79 -1.45
N LEU A 243 -9.79 38.91 -2.04
CA LEU A 243 -8.71 38.91 -3.02
C LEU A 243 -7.34 38.94 -2.34
N PRO A 244 -6.49 37.94 -2.61
CA PRO A 244 -5.14 38.00 -2.09
C PRO A 244 -4.37 39.11 -2.80
N SER A 245 -3.30 39.59 -2.18
CA SER A 245 -2.48 40.64 -2.76
C SER A 245 -1.97 40.26 -4.15
N SER A 246 -1.73 38.97 -4.36
CA SER A 246 -1.27 38.45 -5.65
C SER A 246 -2.28 38.64 -6.79
N SER A 247 -3.56 38.77 -6.45
CA SER A 247 -4.62 38.96 -7.46
C SER A 247 -5.01 40.43 -7.66
N GLU A 248 -4.25 41.33 -7.03
CA GLU A 248 -4.61 42.74 -7.11
C GLU A 248 -3.74 43.50 -8.10
N GLN A 249 -3.68 42.98 -9.32
CA GLN A 249 -2.97 43.62 -10.43
C GLN A 249 -3.80 43.59 -11.71
N ALA B 1 -28.54 48.86 -35.02
CA ALA B 1 -27.06 49.05 -34.99
C ALA B 1 -26.64 50.26 -35.81
N GLY B 2 -26.41 51.37 -35.13
CA GLY B 2 -25.92 52.58 -35.78
C GLY B 2 -24.45 52.82 -35.48
N HIS B 3 -23.93 53.92 -36.02
CA HIS B 3 -22.54 54.29 -35.81
C HIS B 3 -22.30 54.75 -34.38
N MSE B 4 -23.27 55.47 -33.83
CA MSE B 4 -23.19 55.97 -32.47
C MSE B 4 -23.26 54.83 -31.46
O MSE B 4 -22.67 54.90 -30.39
CB MSE B 4 -24.34 56.97 -32.23
CG MSE B 4 -24.23 57.81 -30.91
SE MSE B 4 -25.96 58.49 -30.36
CE MSE B 4 -26.85 56.43 -29.36
N GLU B 5 -23.99 53.77 -31.82
CA GLU B 5 -24.15 52.59 -30.96
C GLU B 5 -22.91 51.71 -30.99
N ALA B 6 -22.23 51.73 -32.13
CA ALA B 6 -20.97 51.00 -32.30
C ALA B 6 -19.84 51.65 -31.52
N VAL B 7 -19.71 52.97 -31.64
CA VAL B 7 -18.74 53.75 -30.87
C VAL B 7 -18.93 53.50 -29.36
N ILE B 8 -20.18 53.63 -28.91
CA ILE B 8 -20.51 53.45 -27.50
C ILE B 8 -20.18 52.04 -27.03
N GLU B 9 -20.59 51.03 -27.81
CA GLU B 9 -20.32 49.64 -27.46
C GLU B 9 -18.82 49.32 -27.48
N LYS B 10 -18.08 49.99 -28.34
CA LYS B 10 -16.62 49.85 -28.39
C LYS B 10 -15.99 50.40 -27.11
N GLU B 11 -16.56 51.49 -26.58
CA GLU B 11 -16.13 52.06 -25.30
C GLU B 11 -16.42 51.13 -24.13
N CYS B 12 -17.69 50.74 -23.99
CA CYS B 12 -18.14 49.95 -22.85
C CYS B 12 -17.43 48.60 -22.74
N SER B 13 -17.45 47.83 -23.83
CA SER B 13 -16.97 46.45 -23.79
C SER B 13 -15.46 46.36 -23.57
N ALA B 14 -14.73 47.41 -23.92
CA ALA B 14 -13.30 47.49 -23.63
C ALA B 14 -13.09 47.47 -22.12
N LEU B 15 -14.03 48.05 -21.39
CA LEU B 15 -14.03 48.03 -19.93
C LEU B 15 -14.33 46.61 -19.42
N GLY B 16 -15.49 46.09 -19.77
CA GLY B 16 -15.92 44.78 -19.31
C GLY B 16 -15.66 43.68 -20.32
N GLY B 17 -14.40 43.26 -20.41
CA GLY B 17 -13.97 42.19 -21.31
C GLY B 17 -13.11 41.17 -20.59
N LEU B 18 -12.36 41.65 -19.60
CA LEU B 18 -11.67 40.76 -18.69
C LEU B 18 -12.70 39.91 -17.94
N PHE B 19 -13.84 40.53 -17.61
CA PHE B 19 -14.94 39.82 -16.97
C PHE B 19 -15.34 38.64 -17.82
N GLN B 20 -15.58 38.87 -19.11
CA GLN B 20 -16.02 37.78 -19.96
C GLN B 20 -14.98 36.69 -20.13
N THR B 21 -13.70 37.06 -20.02
CA THR B 21 -12.64 36.06 -20.09
C THR B 21 -12.72 35.12 -18.89
N ILE B 22 -12.84 35.72 -17.69
CA ILE B 22 -12.93 34.94 -16.47
C ILE B 22 -14.17 34.05 -16.50
N ILE B 23 -15.31 34.65 -16.85
CA ILE B 23 -16.56 33.91 -16.94
C ILE B 23 -16.47 32.78 -17.96
N SER B 24 -15.94 33.05 -19.14
CA SER B 24 -15.82 32.02 -20.16
CA SER B 24 -15.82 32.01 -20.15
C SER B 24 -14.93 30.88 -19.66
N ASP B 25 -13.85 31.21 -18.97
CA ASP B 25 -12.96 30.19 -18.42
C ASP B 25 -13.70 29.29 -17.41
N MSE B 26 -14.43 29.90 -16.49
CA MSE B 26 -15.22 29.15 -15.52
C MSE B 26 -16.30 28.27 -16.16
O MSE B 26 -16.50 27.13 -15.77
CB MSE B 26 -15.88 30.10 -14.54
CG MSE B 26 -14.89 30.71 -13.60
SE MSE B 26 -15.80 31.60 -12.16
CE MSE B 26 -16.22 33.22 -12.95
N LYS B 27 -16.99 28.81 -17.15
CA LYS B 27 -18.02 28.06 -17.85
C LYS B 27 -17.45 26.91 -18.68
N GLY B 28 -16.20 27.02 -19.11
CA GLY B 28 -15.56 25.96 -19.91
C GLY B 28 -14.86 24.89 -19.07
N SER B 29 -14.93 25.05 -17.75
CA SER B 29 -14.16 24.19 -16.84
C SER B 29 -14.80 22.87 -16.45
N TYR B 30 -16.12 22.75 -16.61
CA TYR B 30 -16.83 21.61 -16.03
C TYR B 30 -16.39 20.23 -16.52
N PRO B 31 -16.14 20.03 -17.84
CA PRO B 31 -15.66 18.72 -18.29
C PRO B 31 -14.38 18.26 -17.61
N VAL B 32 -13.48 19.20 -17.31
CA VAL B 32 -12.24 18.86 -16.57
C VAL B 32 -12.58 18.41 -15.14
N TRP B 33 -13.45 19.16 -14.47
CA TRP B 33 -13.87 18.80 -13.11
C TRP B 33 -14.64 17.48 -13.13
N GLU B 34 -15.49 17.31 -14.13
CA GLU B 34 -16.23 16.05 -14.26
C GLU B 34 -15.33 14.82 -14.44
N ASP B 35 -14.32 14.93 -15.30
CA ASP B 35 -13.41 13.81 -15.52
C ASP B 35 -12.64 13.48 -14.26
N PHE B 36 -12.23 14.50 -13.53
CA PHE B 36 -11.61 14.33 -12.21
C PHE B 36 -12.53 13.54 -11.25
N ILE B 37 -13.78 13.93 -11.15
CA ILE B 37 -14.71 13.24 -10.25
C ILE B 37 -14.84 11.79 -10.71
N ASN B 38 -14.91 11.59 -12.02
CA ASN B 38 -15.06 10.23 -12.59
C ASN B 38 -13.83 9.34 -12.25
N LYS B 39 -12.65 9.85 -12.50
CA LYS B 39 -11.42 9.07 -12.25
CA LYS B 39 -11.44 9.07 -12.25
C LYS B 39 -11.16 8.85 -10.77
N ALA B 40 -11.52 9.84 -9.94
CA ALA B 40 -11.34 9.72 -8.51
C ALA B 40 -12.31 8.60 -8.04
N GLY B 41 -13.53 8.64 -8.53
CA GLY B 41 -14.56 7.63 -8.22
C GLY B 41 -14.07 6.24 -8.57
N LYS B 42 -13.48 6.10 -9.74
CA LYS B 42 -12.96 4.81 -10.17
C LYS B 42 -11.77 4.33 -9.30
N LEU B 43 -10.88 5.24 -8.91
CA LEU B 43 -9.83 4.90 -7.95
C LEU B 43 -10.39 4.49 -6.59
N GLN B 44 -11.35 5.24 -6.06
CA GLN B 44 -11.90 4.89 -4.74
C GLN B 44 -12.56 3.51 -4.75
N SER B 45 -13.31 3.20 -5.81
CA SER B 45 -13.94 1.88 -5.90
CA SER B 45 -13.93 1.87 -5.94
C SER B 45 -12.87 0.79 -5.95
N GLN B 46 -11.79 1.04 -6.68
CA GLN B 46 -10.70 0.07 -6.74
CA GLN B 46 -10.68 0.10 -6.76
C GLN B 46 -10.00 -0.06 -5.39
N LEU B 47 -9.88 1.04 -4.64
CA LEU B 47 -9.23 0.93 -3.34
C LEU B 47 -10.08 0.06 -2.39
N ARG B 48 -11.40 0.20 -2.45
CA ARG B 48 -12.32 -0.62 -1.66
CA ARG B 48 -12.32 -0.63 -1.65
C ARG B 48 -12.10 -2.11 -1.94
N THR B 49 -11.93 -2.46 -3.21
CA THR B 49 -11.68 -3.86 -3.56
C THR B 49 -10.33 -4.34 -3.07
N THR B 50 -9.33 -3.45 -3.10
CA THR B 50 -7.98 -3.78 -2.64
C THR B 50 -7.96 -4.00 -1.13
N VAL B 51 -8.72 -3.18 -0.40
CA VAL B 51 -8.86 -3.37 1.02
C VAL B 51 -9.40 -4.76 1.36
N VAL B 52 -10.44 -5.19 0.65
CA VAL B 52 -11.02 -6.52 0.91
C VAL B 52 -9.96 -7.61 0.66
N ALA B 53 -9.21 -7.49 -0.44
CA ALA B 53 -8.17 -8.47 -0.78
C ALA B 53 -7.04 -8.42 0.26
N ALA B 54 -6.70 -7.21 0.72
CA ALA B 54 -5.63 -7.06 1.71
C ALA B 54 -6.03 -7.72 3.01
N ALA B 55 -7.24 -7.45 3.48
CA ALA B 55 -7.69 -8.10 4.71
C ALA B 55 -7.65 -9.65 4.61
N ALA B 56 -8.08 -10.22 3.47
CA ALA B 56 -8.05 -11.68 3.31
C ALA B 56 -6.61 -12.19 3.23
N PHE B 57 -5.76 -11.43 2.56
CA PHE B 57 -4.34 -11.79 2.57
C PHE B 57 -3.79 -11.81 3.99
N LEU B 58 -4.12 -10.79 4.80
CA LEU B 58 -3.56 -10.73 6.17
C LEU B 58 -4.10 -11.87 7.05
N ASP B 59 -5.35 -12.25 6.86
CA ASP B 59 -5.87 -13.50 7.49
C ASP B 59 -5.00 -14.72 7.16
N ALA B 60 -4.65 -14.89 5.90
CA ALA B 60 -3.82 -16.03 5.52
C ALA B 60 -2.40 -15.87 6.11
N PHE B 61 -1.86 -14.66 6.06
CA PHE B 61 -0.49 -14.37 6.62
C PHE B 61 -0.49 -14.79 8.10
N GLN B 62 -1.57 -14.46 8.82
CA GLN B 62 -1.65 -14.83 10.23
C GLN B 62 -1.67 -16.34 10.45
N LYS B 63 -2.32 -17.06 9.54
CA LYS B 63 -2.35 -18.52 9.63
C LYS B 63 -0.96 -19.11 9.44
N VAL B 64 -0.18 -18.51 8.55
CA VAL B 64 1.22 -18.93 8.40
C VAL B 64 2.00 -18.64 9.67
N ALA B 65 1.84 -17.45 10.24
CA ALA B 65 2.52 -17.07 11.49
C ALA B 65 2.16 -18.05 12.61
N ASP B 66 0.88 -18.39 12.71
CA ASP B 66 0.38 -19.32 13.77
C ASP B 66 1.05 -20.69 13.65
N MSE B 67 1.16 -21.15 12.41
CA MSE B 67 1.81 -22.41 12.11
C MSE B 67 3.26 -22.48 12.58
O MSE B 67 3.69 -23.50 13.11
CB MSE B 67 1.77 -22.62 10.60
CG MSE B 67 1.96 -24.04 10.21
SE MSE B 67 1.35 -24.27 8.40
CE MSE B 67 2.57 -22.98 7.50
N ALA B 68 4.00 -21.39 12.38
CA ALA B 68 5.36 -21.30 12.89
C ALA B 68 5.36 -21.25 14.42
N THR B 69 4.40 -20.52 14.99
CA THR B 69 4.34 -20.37 16.44
C THR B 69 4.06 -21.73 17.09
N ASN B 70 3.35 -22.59 16.36
CA ASN B 70 3.03 -23.94 16.82
C ASN B 70 4.03 -25.02 16.39
N THR B 71 5.21 -24.63 15.90
CA THR B 71 6.25 -25.64 15.71
C THR B 71 6.92 -25.92 17.05
N ARG B 72 8.24 -25.75 17.14
CA ARG B 72 8.96 -26.25 18.30
C ARG B 72 9.95 -25.25 18.92
N GLY B 73 11.13 -25.15 18.30
CA GLY B 73 12.24 -24.44 18.92
C GLY B 73 12.35 -23.00 18.48
N GLY B 74 13.36 -22.73 17.65
CA GLY B 74 13.59 -21.39 17.13
C GLY B 74 12.48 -20.96 16.21
N THR B 75 11.76 -21.92 15.66
CA THR B 75 10.66 -21.61 14.73
C THR B 75 9.50 -20.89 15.44
N ARG B 76 9.39 -21.11 16.75
CA ARG B 76 8.39 -20.42 17.54
C ARG B 76 8.66 -18.90 17.59
N GLU B 77 9.92 -18.52 17.73
CA GLU B 77 10.28 -17.10 17.75
C GLU B 77 10.05 -16.44 16.39
N ILE B 78 10.27 -17.19 15.32
CA ILE B 78 9.95 -16.70 13.98
C ILE B 78 8.45 -16.40 13.91
N GLY B 79 7.62 -17.34 14.40
CA GLY B 79 6.17 -17.13 14.43
C GLY B 79 5.73 -15.89 15.20
N SER B 80 6.31 -15.67 16.36
CA SER B 80 5.93 -14.49 17.12
C SER B 80 6.26 -13.20 16.37
N ALA B 81 7.41 -13.19 15.72
CA ALA B 81 7.81 -12.05 14.91
C ALA B 81 6.95 -11.83 13.65
N LEU B 82 6.55 -12.91 12.99
CA LEU B 82 5.59 -12.85 11.87
C LEU B 82 4.26 -12.30 12.31
N THR B 83 3.86 -12.67 13.53
CA THR B 83 2.63 -12.15 14.11
C THR B 83 2.69 -10.64 14.31
N ARG B 84 3.83 -10.15 14.80
CA ARG B 84 4.08 -8.71 14.95
CA ARG B 84 4.04 -8.72 14.96
C ARG B 84 3.97 -8.03 13.60
N MSE B 85 4.60 -8.62 12.58
CA MSE B 85 4.58 -8.04 11.25
CA MSE B 85 4.56 -8.01 11.28
C MSE B 85 3.14 -8.02 10.71
O MSE B 85 2.71 -7.05 10.10
CB MSE B 85 5.48 -8.85 10.31
CB MSE B 85 5.48 -8.72 10.30
CG MSE B 85 5.62 -8.26 8.91
CG MSE B 85 5.13 -8.37 8.90
SE MSE B 85 6.61 -6.61 8.88
SE MSE B 85 6.52 -8.95 7.76
CE MSE B 85 8.43 -7.31 8.83
CE MSE B 85 7.87 -7.65 8.22
N CYS B 86 2.41 -9.09 10.95
CA CYS B 86 1.02 -9.11 10.52
C CYS B 86 0.21 -7.98 11.22
N MSE B 87 0.38 -7.79 12.53
CA MSE B 87 -0.32 -6.76 13.29
CA MSE B 87 -0.35 -6.76 13.25
C MSE B 87 0.00 -5.37 12.73
O MSE B 87 -0.91 -4.50 12.62
CB MSE B 87 0.04 -6.83 14.79
CB MSE B 87 -0.10 -6.84 14.76
CG MSE B 87 -0.26 -8.18 15.43
CG MSE B 87 -0.55 -8.15 15.37
SE MSE B 87 0.11 -8.25 17.37
SE MSE B 87 -2.45 -8.55 15.19
CE MSE B 87 1.95 -8.88 17.43
CE MSE B 87 -2.51 -10.02 16.53
N ARG B 88 1.27 -5.15 12.37
CA ARG B 88 1.67 -3.88 11.77
CA ARG B 88 1.70 -3.89 11.75
C ARG B 88 1.01 -3.65 10.41
N HIS B 89 0.93 -4.69 9.57
CA HIS B 89 0.20 -4.54 8.30
C HIS B 89 -1.30 -4.34 8.51
N ARG B 90 -1.87 -4.95 9.55
CA ARG B 90 -3.29 -4.70 9.83
C ARG B 90 -3.53 -3.22 10.17
N SER B 91 -2.58 -2.58 10.84
CA SER B 91 -2.72 -1.17 11.16
CA SER B 91 -2.72 -1.17 11.16
C SER B 91 -2.68 -0.36 9.87
N ILE B 92 -1.77 -0.73 8.97
CA ILE B 92 -1.68 -0.05 7.69
C ILE B 92 -2.99 -0.21 6.92
N GLU B 93 -3.54 -1.43 6.91
CA GLU B 93 -4.86 -1.69 6.29
C GLU B 93 -5.95 -0.77 6.87
N ALA B 94 -5.95 -0.61 8.19
CA ALA B 94 -6.99 0.22 8.81
C ALA B 94 -6.87 1.69 8.37
N LYS B 95 -5.63 2.19 8.24
CA LYS B 95 -5.44 3.55 7.67
C LYS B 95 -5.84 3.63 6.18
N LEU B 96 -5.65 2.55 5.42
CA LEU B 96 -6.03 2.56 4.00
C LEU B 96 -7.55 2.67 3.90
N ARG B 97 -8.26 2.00 4.82
CA ARG B 97 -9.71 2.13 4.89
C ARG B 97 -10.11 3.56 5.16
N GLN B 98 -9.41 4.23 6.08
CA GLN B 98 -9.76 5.60 6.45
C GLN B 98 -9.46 6.53 5.29
N PHE B 99 -8.38 6.22 4.56
CA PHE B 99 -8.00 7.01 3.39
C PHE B 99 -9.06 6.88 2.30
N SER B 100 -9.47 5.64 2.02
CA SER B 100 -10.53 5.38 1.09
C SER B 100 -11.85 6.10 1.45
N SER B 101 -12.20 6.06 2.74
CA SER B 101 -13.37 6.79 3.25
C SER B 101 -13.26 8.29 3.06
N ALA B 102 -12.13 8.86 3.38
CA ALA B 102 -11.96 10.32 3.19
C ALA B 102 -12.07 10.64 1.69
N LEU B 103 -11.49 9.81 0.84
CA LEU B 103 -11.55 10.09 -0.59
C LEU B 103 -13.01 10.23 -1.09
N ILE B 104 -13.91 9.35 -0.67
CA ILE B 104 -15.31 9.45 -1.13
C ILE B 104 -16.11 10.50 -0.33
N ASP B 105 -15.92 10.53 0.98
CA ASP B 105 -16.75 11.35 1.87
C ASP B 105 -16.29 12.81 1.96
N CYS B 106 -14.97 13.04 1.82
CA CYS B 106 -14.46 14.39 1.91
C CYS B 106 -14.24 15.03 0.56
N LEU B 107 -13.91 14.23 -0.43
CA LEU B 107 -13.63 14.80 -1.74
C LEU B 107 -14.65 14.51 -2.84
N ILE B 108 -14.86 13.24 -3.17
CA ILE B 108 -15.70 12.95 -4.34
C ILE B 108 -17.14 13.44 -4.16
N ASN B 109 -17.79 13.02 -3.09
CA ASN B 109 -19.20 13.35 -2.93
C ASN B 109 -19.35 14.88 -2.76
N PRO B 110 -18.58 15.50 -1.86
CA PRO B 110 -18.69 16.98 -1.78
C PRO B 110 -18.38 17.71 -3.09
N LEU B 111 -17.39 17.26 -3.88
CA LEU B 111 -17.04 17.97 -5.13
C LEU B 111 -18.17 17.84 -6.13
N GLN B 112 -18.71 16.63 -6.21
CA GLN B 112 -19.90 16.37 -7.03
CA GLN B 112 -19.90 16.36 -7.02
C GLN B 112 -21.02 17.35 -6.67
N GLU B 113 -21.35 17.48 -5.38
CA GLU B 113 -22.41 18.41 -4.96
CA GLU B 113 -22.43 18.40 -4.98
C GLU B 113 -22.08 19.85 -5.32
N GLN B 114 -20.84 20.24 -5.08
CA GLN B 114 -20.38 21.61 -5.32
C GLN B 114 -20.54 22.00 -6.79
N MSE B 115 -20.47 20.99 -7.67
CA MSE B 115 -20.54 21.20 -9.11
C MSE B 115 -21.77 21.91 -9.61
O MSE B 115 -21.63 22.88 -10.37
CB MSE B 115 -20.47 19.86 -9.83
CG MSE B 115 -19.12 19.27 -9.72
SE MSE B 115 -18.02 20.21 -10.98
CE MSE B 115 -18.58 19.35 -12.39
N GLU B 116 -22.96 21.44 -9.24
CA GLU B 116 -24.16 22.08 -9.72
CA GLU B 116 -24.23 22.04 -9.65
C GLU B 116 -24.26 23.48 -9.17
N GLU B 117 -23.75 23.68 -7.94
CA GLU B 117 -23.81 25.00 -7.33
C GLU B 117 -22.88 25.98 -8.04
N TRP B 118 -21.71 25.49 -8.46
CA TRP B 118 -20.77 26.33 -9.18
C TRP B 118 -21.41 26.77 -10.48
N LYS B 119 -22.08 25.84 -11.16
CA LYS B 119 -22.68 26.17 -12.46
C LYS B 119 -23.75 27.23 -12.32
N LYS B 120 -24.55 27.12 -11.26
CA LYS B 120 -25.63 28.07 -11.02
C LYS B 120 -25.07 29.45 -10.65
N VAL B 121 -24.06 29.47 -9.80
CA VAL B 121 -23.42 30.72 -9.39
C VAL B 121 -22.75 31.46 -10.56
N ALA B 122 -22.04 30.73 -11.44
CA ALA B 122 -21.45 31.38 -12.61
C ALA B 122 -22.52 31.90 -13.60
N ASN B 123 -23.57 31.11 -13.83
CA ASN B 123 -24.69 31.57 -14.64
C ASN B 123 -25.25 32.91 -14.14
N GLN B 124 -25.34 33.04 -12.82
CA GLN B 124 -25.97 34.21 -12.21
C GLN B 124 -25.08 35.44 -12.24
N LEU B 125 -23.79 35.24 -12.03
CA LEU B 125 -22.80 36.29 -12.16
C LEU B 125 -22.88 36.88 -13.56
N ASP B 126 -22.90 36.00 -14.56
CA ASP B 126 -22.97 36.38 -15.97
C ASP B 126 -24.27 37.15 -16.25
N LYS B 127 -25.39 36.61 -15.79
CA LYS B 127 -26.70 37.26 -15.94
C LYS B 127 -26.79 38.64 -15.30
N ASP B 128 -26.35 38.74 -14.06
CA ASP B 128 -26.40 40.01 -13.32
C ASP B 128 -25.50 41.08 -13.93
N HIS B 129 -24.36 40.64 -14.43
CA HIS B 129 -23.44 41.54 -15.09
C HIS B 129 -24.05 42.06 -16.39
N ALA B 130 -24.53 41.14 -17.22
CA ALA B 130 -25.23 41.48 -18.45
C ALA B 130 -26.30 42.56 -18.23
N LYS B 131 -27.07 42.40 -17.17
CA LYS B 131 -28.12 43.35 -16.78
C LYS B 131 -27.58 44.74 -16.45
N GLU B 132 -26.66 44.80 -15.49
CA GLU B 132 -26.06 46.06 -15.09
C GLU B 132 -25.36 46.74 -16.26
N TYR B 133 -24.66 45.93 -17.05
CA TYR B 133 -23.91 46.44 -18.17
C TYR B 133 -24.81 47.10 -19.21
N LYS B 134 -25.87 46.40 -19.62
CA LYS B 134 -26.64 46.88 -20.77
C LYS B 134 -27.71 47.91 -20.41
N LYS B 135 -27.99 48.07 -19.12
CA LYS B 135 -28.79 49.20 -18.72
C LYS B 135 -27.86 50.41 -18.58
N ALA B 136 -26.67 50.19 -18.03
CA ALA B 136 -25.65 51.24 -18.03
C ALA B 136 -25.40 51.73 -19.46
N ARG B 137 -25.30 50.80 -20.41
CA ARG B 137 -25.08 51.15 -21.81
C ARG B 137 -26.23 51.99 -22.37
N GLN B 138 -27.45 51.46 -22.26
CA GLN B 138 -28.61 52.13 -22.84
C GLN B 138 -28.84 53.50 -22.21
N GLU B 139 -28.45 53.65 -20.96
CA GLU B 139 -28.54 54.93 -20.29
C GLU B 139 -27.48 55.92 -20.77
N ILE B 140 -26.39 55.41 -21.35
CA ILE B 140 -25.39 56.29 -21.94
C ILE B 140 -25.55 56.43 -23.47
N LYS B 141 -26.29 55.51 -24.06
CA LYS B 141 -26.77 55.68 -25.43
C LYS B 141 -27.83 56.76 -25.42
N LYS B 142 -28.46 56.95 -24.26
CA LYS B 142 -29.54 57.92 -24.14
C LYS B 142 -29.03 59.31 -23.77
N LYS B 143 -27.92 59.36 -23.06
CA LYS B 143 -27.35 60.65 -22.66
C LYS B 143 -26.47 61.28 -23.73
N SER B 144 -25.90 60.44 -24.59
CA SER B 144 -25.17 60.91 -25.75
C SER B 144 -26.15 61.47 -26.80
N SER B 145 -27.36 60.91 -26.81
CA SER B 145 -28.42 61.38 -27.69
C SER B 145 -28.86 62.79 -27.29
N ASP B 146 -29.20 62.95 -26.01
CA ASP B 146 -29.60 64.23 -25.47
C ASP B 146 -28.53 65.27 -25.76
N THR B 147 -27.27 64.86 -25.68
CA THR B 147 -26.15 65.75 -25.93
C THR B 147 -26.03 66.08 -27.43
N LEU B 148 -26.39 65.12 -28.27
CA LEU B 148 -26.34 65.31 -29.73
C LEU B 148 -27.27 66.44 -30.16
N LYS B 149 -28.54 66.33 -29.76
CA LYS B 149 -29.56 67.32 -30.14
C LYS B 149 -29.34 68.66 -29.45
N LEU B 150 -28.77 68.63 -28.24
CA LEU B 150 -28.47 69.85 -27.50
C LEU B 150 -27.28 70.59 -28.13
N GLN B 151 -26.46 69.86 -28.86
CA GLN B 151 -25.28 70.46 -29.49
C GLN B 151 -25.59 70.89 -30.92
N LYS B 152 -26.66 70.34 -31.48
CA LYS B 152 -27.04 70.65 -32.86
C LYS B 152 -28.19 71.64 -32.97
N LYS B 153 -28.61 72.18 -31.83
CA LYS B 153 -29.56 73.29 -31.82
C LYS B 153 -28.98 74.49 -31.08
N ALA B 154 -27.76 74.31 -30.55
CA ALA B 154 -27.03 75.39 -29.92
C ALA B 154 -26.06 76.02 -30.92
N LYS B 155 -25.74 75.27 -31.97
CA LYS B 155 -24.86 75.75 -33.02
C LYS B 155 -25.66 76.51 -34.09
N LYS B 156 -26.96 76.64 -33.85
CA LYS B 156 -27.81 77.48 -34.69
C LYS B 156 -27.70 78.93 -34.26
N VAL B 157 -27.05 79.14 -33.11
CA VAL B 157 -26.79 80.48 -32.57
C VAL B 157 -28.01 81.39 -32.67
N ALA B 172 -25.13 68.48 -20.03
CA ALA B 172 -25.41 67.18 -20.64
C ALA B 172 -24.13 66.45 -21.03
N LEU B 173 -23.13 67.20 -21.51
CA LEU B 173 -21.84 66.63 -21.89
C LEU B 173 -21.14 65.99 -20.69
N GLN B 174 -21.30 66.61 -19.53
CA GLN B 174 -20.69 66.09 -18.30
C GLN B 174 -21.43 64.84 -17.83
N ASP B 175 -22.72 64.78 -18.11
CA ASP B 175 -23.55 63.64 -17.71
C ASP B 175 -23.15 62.35 -18.41
N VAL B 176 -22.67 62.48 -19.64
CA VAL B 176 -22.17 61.34 -20.40
C VAL B 176 -20.88 60.85 -19.76
N ASN B 177 -20.00 61.79 -19.42
CA ASN B 177 -18.72 61.47 -18.80
C ASN B 177 -18.92 60.78 -17.45
N ASP B 178 -19.88 61.28 -16.67
CA ASP B 178 -20.23 60.67 -15.39
C ASP B 178 -20.47 59.19 -15.58
N LYS B 179 -21.43 58.86 -16.45
CA LYS B 179 -21.88 57.48 -16.64
C LYS B 179 -20.80 56.54 -17.16
N TYR B 180 -19.72 57.09 -17.72
CA TYR B 180 -18.61 56.26 -18.18
C TYR B 180 -17.68 55.85 -17.05
N LEU B 181 -17.41 56.78 -16.14
CA LEU B 181 -16.64 56.48 -14.93
C LEU B 181 -17.45 55.54 -14.05
N LEU B 182 -18.77 55.72 -14.10
CA LEU B 182 -19.73 54.88 -13.41
C LEU B 182 -19.60 53.44 -13.88
N LEU B 183 -19.51 53.27 -15.19
CA LEU B 183 -19.39 51.95 -15.79
C LEU B 183 -18.01 51.35 -15.54
N GLU B 184 -17.01 52.21 -15.44
CA GLU B 184 -15.64 51.77 -15.19
C GLU B 184 -15.52 51.06 -13.83
N GLU B 185 -16.13 51.64 -12.80
CA GLU B 185 -16.09 51.02 -11.47
C GLU B 185 -17.06 49.86 -11.31
N THR B 186 -18.17 49.90 -12.06
CA THR B 186 -19.06 48.74 -12.13
C THR B 186 -18.25 47.53 -12.59
N GLU B 187 -17.60 47.67 -13.73
CA GLU B 187 -16.79 46.60 -14.32
C GLU B 187 -15.63 46.18 -13.42
N LYS B 188 -15.02 47.14 -12.74
CA LYS B 188 -13.95 46.87 -11.78
C LYS B 188 -14.44 45.94 -10.67
N GLN B 189 -15.62 46.24 -10.15
CA GLN B 189 -16.25 45.47 -9.08
C GLN B 189 -16.68 44.10 -9.58
N ALA B 190 -17.23 44.04 -10.80
CA ALA B 190 -17.62 42.77 -11.38
C ALA B 190 -16.40 41.85 -11.57
N VAL B 191 -15.30 42.42 -12.09
CA VAL B 191 -14.06 41.65 -12.21
C VAL B 191 -13.54 41.20 -10.84
N ARG B 192 -13.57 42.07 -9.82
CA ARG B 192 -13.19 41.64 -8.49
CA ARG B 192 -13.18 41.63 -8.48
C ARG B 192 -14.03 40.42 -8.05
N LYS B 193 -15.34 40.52 -8.27
CA LYS B 193 -16.24 39.46 -7.88
C LYS B 193 -15.95 38.15 -8.61
N ALA B 194 -15.68 38.22 -9.92
CA ALA B 194 -15.33 37.01 -10.69
C ALA B 194 -14.00 36.39 -10.27
N LEU B 195 -12.99 37.23 -10.01
CA LEU B 195 -11.69 36.78 -9.49
C LEU B 195 -11.78 36.05 -8.15
N ILE B 196 -12.67 36.49 -7.28
CA ILE B 196 -12.88 35.83 -6.02
C ILE B 196 -13.57 34.47 -6.23
N GLU B 197 -14.58 34.43 -7.11
CA GLU B 197 -15.28 33.17 -7.38
C GLU B 197 -14.35 32.15 -8.04
N GLU B 198 -13.51 32.63 -8.94
CA GLU B 198 -12.56 31.78 -9.67
C GLU B 198 -11.56 31.14 -8.74
N ARG B 199 -10.95 31.98 -7.90
CA ARG B 199 -10.00 31.52 -6.89
C ARG B 199 -10.73 30.66 -5.87
N GLY B 200 -11.91 31.10 -5.46
CA GLY B 200 -12.69 30.38 -4.45
C GLY B 200 -12.98 28.91 -4.81
N ARG B 201 -13.18 28.62 -6.09
CA ARG B 201 -13.44 27.23 -6.53
C ARG B 201 -12.23 26.34 -6.21
N PHE B 202 -11.06 26.87 -6.46
CA PHE B 202 -9.84 26.11 -6.13
C PHE B 202 -9.60 25.99 -4.63
N CYS B 203 -9.92 27.04 -3.87
CA CYS B 203 -9.78 27.02 -2.41
C CYS B 203 -10.70 25.95 -1.83
N THR B 204 -11.92 25.92 -2.31
CA THR B 204 -12.92 24.92 -1.90
C THR B 204 -12.38 23.55 -2.19
N PHE B 205 -11.84 23.36 -3.39
CA PHE B 205 -11.33 22.03 -3.81
C PHE B 205 -10.17 21.64 -2.88
N ILE B 206 -9.32 22.59 -2.54
CA ILE B 206 -8.20 22.27 -1.70
C ILE B 206 -8.61 21.98 -0.24
N SER B 207 -9.65 22.63 0.25
CA SER B 207 -10.16 22.26 1.56
C SER B 207 -10.67 20.83 1.60
N MSE B 208 -11.26 20.37 0.51
CA MSE B 208 -11.70 18.98 0.37
C MSE B 208 -10.54 17.98 0.26
O MSE B 208 -10.59 16.89 0.84
CB MSE B 208 -12.57 18.87 -0.90
CG MSE B 208 -13.92 19.56 -0.72
SE MSE B 208 -14.81 19.62 -2.47
CE MSE B 208 -16.29 20.63 -1.97
N LEU B 209 -9.50 18.39 -0.45
CA LEU B 209 -8.29 17.58 -0.63
C LEU B 209 -7.53 17.34 0.67
N ARG B 210 -7.49 18.35 1.53
CA ARG B 210 -6.67 18.34 2.74
C ARG B 210 -6.81 17.10 3.61
N PRO B 211 -8.04 16.76 4.06
CA PRO B 211 -8.19 15.57 4.88
C PRO B 211 -7.81 14.28 4.17
N VAL B 212 -8.01 14.18 2.86
CA VAL B 212 -7.54 13.01 2.11
C VAL B 212 -6.00 12.85 2.20
N ILE B 213 -5.27 13.93 1.95
CA ILE B 213 -3.80 13.89 2.06
C ILE B 213 -3.32 13.68 3.50
N GLU B 214 -4.03 14.23 4.48
CA GLU B 214 -3.70 13.92 5.86
C GLU B 214 -3.79 12.43 6.18
N GLU B 215 -4.84 11.78 5.68
CA GLU B 215 -5.00 10.30 5.84
C GLU B 215 -3.92 9.53 5.12
N GLU B 216 -3.50 10.04 3.97
CA GLU B 216 -2.42 9.37 3.25
C GLU B 216 -1.14 9.47 4.04
N ILE B 217 -0.84 10.65 4.59
CA ILE B 217 0.35 10.81 5.44
C ILE B 217 0.25 9.89 6.67
N SER B 218 -0.92 9.80 7.30
CA SER B 218 -1.10 8.94 8.47
C SER B 218 -0.86 7.44 8.09
N MSE B 219 -1.41 7.03 6.95
CA MSE B 219 -1.21 5.65 6.46
C MSE B 219 0.26 5.35 6.21
O MSE B 219 0.76 4.33 6.68
CB MSE B 219 -1.99 5.41 5.17
CG MSE B 219 -1.73 4.06 4.57
SE MSE B 219 -2.79 3.93 2.90
CE MSE B 219 -1.77 5.13 1.71
N LEU B 220 0.95 6.23 5.48
CA LEU B 220 2.38 6.00 5.23
C LEU B 220 3.20 5.96 6.51
N GLY B 221 2.79 6.74 7.51
CA GLY B 221 3.53 6.85 8.75
C GLY B 221 3.55 5.53 9.49
N GLU B 222 2.51 4.69 9.30
CA GLU B 222 2.46 3.37 9.95
C GLU B 222 3.52 2.41 9.43
N ILE B 223 4.05 2.71 8.25
CA ILE B 223 5.13 1.90 7.69
C ILE B 223 6.42 1.98 8.52
N THR B 224 6.52 2.98 9.40
CA THR B 224 7.78 3.14 10.16
C THR B 224 8.07 1.92 11.07
N HIS B 225 7.03 1.19 11.44
CA HIS B 225 7.21 0.04 12.35
C HIS B 225 7.73 -1.20 11.64
N LEU B 226 7.65 -1.23 10.32
CA LEU B 226 8.10 -2.43 9.59
C LEU B 226 9.59 -2.73 9.66
N GLN B 227 10.42 -1.68 9.64
CA GLN B 227 11.86 -1.88 9.63
CA GLN B 227 11.86 -1.81 9.66
C GLN B 227 12.37 -2.69 10.82
N THR B 228 11.93 -2.38 12.03
CA THR B 228 12.43 -3.10 13.21
CA THR B 228 12.49 -3.12 13.17
C THR B 228 12.08 -4.58 13.13
N ILE B 229 10.83 -4.85 12.72
CA ILE B 229 10.38 -6.21 12.61
C ILE B 229 11.14 -6.94 11.52
N SER B 230 11.37 -6.29 10.38
CA SER B 230 12.11 -6.96 9.33
C SER B 230 13.53 -7.33 9.77
N GLU B 231 14.15 -6.44 10.54
CA GLU B 231 15.49 -6.72 11.08
CA GLU B 231 15.49 -6.73 11.07
C GLU B 231 15.49 -7.92 12.04
N ASP B 232 14.52 -7.95 12.95
CA ASP B 232 14.32 -9.09 13.84
CA ASP B 232 14.34 -9.09 13.84
C ASP B 232 14.14 -10.39 13.05
N LEU B 233 13.28 -10.37 12.04
CA LEU B 233 13.06 -11.56 11.20
C LEU B 233 14.36 -12.01 10.54
N LYS B 234 15.13 -11.03 10.08
CA LYS B 234 16.42 -11.32 9.48
CA LYS B 234 16.44 -11.31 9.50
C LYS B 234 17.32 -12.02 10.53
N SER B 235 17.33 -11.50 11.75
CA SER B 235 18.13 -12.06 12.83
CA SER B 235 18.13 -12.06 12.83
C SER B 235 17.71 -13.48 13.22
N LEU B 236 16.42 -13.74 13.12
CA LEU B 236 15.87 -15.01 13.55
C LEU B 236 16.04 -16.08 12.48
N THR B 237 16.49 -15.68 11.29
CA THR B 237 16.56 -16.62 10.16
C THR B 237 17.99 -16.82 9.65
N MSE B 238 18.98 -16.37 10.43
CA MSE B 238 20.39 -16.61 10.16
C MSE B 238 20.70 -18.10 10.18
O MSE B 238 20.09 -18.86 10.94
CB MSE B 238 21.27 -15.92 11.20
CG MSE B 238 21.13 -14.42 11.26
SE MSE B 238 21.85 -13.58 9.64
CE MSE B 238 23.71 -14.28 9.75
N ASP B 239 21.65 -18.50 9.33
CA ASP B 239 22.15 -19.87 9.29
C ASP B 239 21.03 -20.90 9.28
N PRO B 240 20.27 -20.97 8.17
CA PRO B 240 19.11 -21.87 8.11
C PRO B 240 19.53 -23.33 7.97
N HIS B 241 20.85 -23.54 7.87
CA HIS B 241 21.43 -24.87 7.67
C HIS B 241 21.79 -25.54 9.00
N LYS B 242 21.72 -24.79 10.09
CA LYS B 242 22.00 -25.35 11.39
C LYS B 242 20.87 -25.01 12.38
N LEU B 243 20.94 -25.61 13.57
CA LEU B 243 19.96 -25.29 14.59
C LEU B 243 20.45 -24.16 15.49
N PRO B 244 19.61 -23.14 15.71
CA PRO B 244 19.98 -22.05 16.60
C PRO B 244 20.06 -22.55 18.04
N SER B 245 20.87 -21.89 18.87
CA SER B 245 21.10 -22.30 20.26
C SER B 245 20.50 -23.66 20.60
#